data_6WXQ
#
_entry.id   6WXQ
#
_cell.length_a   74.793
_cell.length_b   118.830
_cell.length_c   64.046
_cell.angle_alpha   90.000
_cell.angle_beta   90.000
_cell.angle_gamma   90.000
#
_symmetry.space_group_name_H-M   'P 21 21 2'
#
loop_
_entity.id
_entity.type
_entity.pdbx_description
1 polymer 'CRISPR-associated transcription factor Csa3 (Type I-A)'
2 polymer 'cyclic tetraadenylate'
3 non-polymer GLYCEROL
4 water water
#
loop_
_entity_poly.entity_id
_entity_poly.type
_entity_poly.pdbx_seq_one_letter_code
_entity_poly.pdbx_strand_id
1 'polypeptide(L)'
;MHHHHHHHGAAMKSYFVTMGFNETFLLRLLNETSAQKEDSLVIVVPSPIVSGTRAAIESLRAQISRLNYPPPRIYEIEIT
DFNLALSKILDIILTLPEPIISDLTMGMRMINTLILLGIIVSRKRFTVYVRDEGGGSRVISFNDNTIRALMRDYSREEMK
LLNVLYETKGTGITELAKMLDKSEKTLINKIAELKKFGILTQKGKDRKVELNELGLNVIKLNKSVIESSKSSEELVKENK
GKEVNIPY
;
B,A
2 'polyribonucleotide' AAAA E
#
# COMPACT_ATOMS: atom_id res chain seq x y z
N MET A 12 2.88 15.04 -20.77
CA MET A 12 1.66 14.28 -20.51
C MET A 12 1.78 13.44 -19.22
N LYS A 13 0.65 13.18 -18.57
CA LYS A 13 0.58 12.25 -17.46
C LYS A 13 -0.62 11.33 -17.69
N SER A 14 -0.76 10.31 -16.85
N SER A 14 -0.76 10.31 -16.85
CA SER A 14 -1.82 9.33 -17.00
CA SER A 14 -1.84 9.36 -17.00
C SER A 14 -2.63 9.21 -15.72
C SER A 14 -2.65 9.27 -15.71
N TYR A 15 -3.94 9.00 -15.88
CA TYR A 15 -4.85 8.76 -14.77
C TYR A 15 -5.25 7.29 -14.84
N PHE A 16 -5.21 6.61 -13.70
CA PHE A 16 -5.52 5.18 -13.63
C PHE A 16 -6.42 4.96 -12.43
N VAL A 17 -7.71 4.70 -12.68
CA VAL A 17 -8.70 4.57 -11.62
C VAL A 17 -9.64 3.44 -11.99
N THR A 18 -10.45 3.02 -11.02
CA THR A 18 -11.60 2.20 -11.34
C THR A 18 -12.83 3.09 -11.24
N MET A 19 -14.03 2.50 -11.28
CA MET A 19 -15.24 3.30 -11.27
C MET A 19 -16.35 2.52 -10.58
N GLY A 20 -17.09 3.20 -9.72
CA GLY A 20 -18.29 2.62 -9.14
C GLY A 20 -19.54 3.14 -9.80
N PHE A 21 -20.45 3.73 -9.03
CA PHE A 21 -21.70 4.26 -9.56
C PHE A 21 -21.72 5.78 -9.64
N ASN A 22 -20.61 6.46 -9.36
CA ASN A 22 -20.61 7.91 -9.28
C ASN A 22 -19.29 8.47 -9.80
N GLU A 23 -19.39 9.35 -10.80
CA GLU A 23 -18.27 9.99 -11.47
C GLU A 23 -17.78 11.25 -10.78
N THR A 24 -18.44 11.68 -9.70
CA THR A 24 -18.15 12.98 -9.11
C THR A 24 -16.71 13.09 -8.61
N PHE A 25 -16.23 12.08 -7.88
CA PHE A 25 -14.87 12.16 -7.30
C PHE A 25 -13.81 12.23 -8.39
N LEU A 26 -14.01 11.52 -9.51
CA LEU A 26 -13.04 11.56 -10.60
C LEU A 26 -13.01 12.93 -11.27
N LEU A 27 -14.20 13.52 -11.52
CA LEU A 27 -14.22 14.86 -12.07
C LEU A 27 -13.52 15.87 -11.15
N ARG A 28 -13.70 15.72 -9.83
CA ARG A 28 -13.00 16.58 -8.88
C ARG A 28 -11.49 16.40 -8.98
N LEU A 29 -11.03 15.14 -9.08
CA LEU A 29 -9.60 14.87 -9.21
C LEU A 29 -9.04 15.50 -10.47
N LEU A 30 -9.74 15.35 -11.60
CA LEU A 30 -9.27 15.94 -12.85
C LEU A 30 -9.10 17.45 -12.71
N ASN A 31 -10.05 18.11 -12.04
CA ASN A 31 -9.92 19.55 -11.81
C ASN A 31 -8.74 19.86 -10.90
N GLU A 32 -8.61 19.13 -9.79
CA GLU A 32 -7.56 19.41 -8.82
C GLU A 32 -6.17 19.21 -9.40
N THR A 33 -6.01 18.24 -10.30
CA THR A 33 -4.69 17.86 -10.79
C THR A 33 -4.40 18.40 -12.18
N SER A 34 -5.16 19.41 -12.64
CA SER A 34 -4.91 20.07 -13.93
C SER A 34 -4.88 19.08 -15.10
N ALA A 35 -5.94 18.27 -15.22
CA ALA A 35 -6.04 17.35 -16.34
C ALA A 35 -6.01 18.12 -17.65
N GLN A 36 -5.28 17.59 -18.63
CA GLN A 36 -5.18 18.12 -19.98
C GLN A 36 -5.75 17.11 -20.97
N LYS A 37 -6.27 17.59 -22.11
CA LYS A 37 -6.92 16.66 -23.03
C LYS A 37 -5.96 15.61 -23.56
N GLU A 38 -4.65 15.90 -23.60
CA GLU A 38 -3.67 14.94 -24.08
C GLU A 38 -3.20 13.96 -23.00
N ASP A 39 -3.65 14.11 -21.76
CA ASP A 39 -3.37 13.12 -20.73
C ASP A 39 -4.04 11.80 -21.09
N SER A 40 -3.54 10.71 -20.50
CA SER A 40 -4.20 9.42 -20.65
C SER A 40 -5.14 9.23 -19.48
N LEU A 41 -6.38 8.84 -19.75
CA LEU A 41 -7.33 8.49 -18.72
C LEU A 41 -7.73 7.04 -18.95
N VAL A 42 -7.33 6.15 -18.05
CA VAL A 42 -7.62 4.73 -18.16
C VAL A 42 -8.46 4.31 -16.95
N ILE A 43 -9.58 3.64 -17.22
CA ILE A 43 -10.52 3.20 -16.19
C ILE A 43 -10.68 1.69 -16.32
N VAL A 44 -10.43 0.96 -15.24
CA VAL A 44 -10.55 -0.49 -15.22
C VAL A 44 -11.73 -0.84 -14.33
N VAL A 45 -12.64 -1.67 -14.83
CA VAL A 45 -13.87 -1.97 -14.10
C VAL A 45 -14.07 -3.47 -14.04
N PRO A 46 -14.83 -3.96 -13.06
CA PRO A 46 -15.12 -5.40 -13.00
C PRO A 46 -16.01 -5.82 -14.16
N SER A 47 -15.74 -7.01 -14.68
CA SER A 47 -16.58 -7.60 -15.71
C SER A 47 -17.59 -8.56 -15.08
N PRO A 48 -18.86 -8.58 -15.54
CA PRO A 48 -19.42 -7.67 -16.54
C PRO A 48 -19.70 -6.26 -15.99
N ILE A 49 -19.66 -5.25 -16.86
CA ILE A 49 -19.92 -3.87 -16.43
C ILE A 49 -21.38 -3.76 -16.03
N VAL A 50 -21.63 -3.38 -14.78
CA VAL A 50 -23.01 -3.33 -14.31
C VAL A 50 -23.65 -2.01 -14.71
N SER A 51 -24.98 -1.97 -14.63
CA SER A 51 -25.74 -0.82 -15.09
C SER A 51 -25.25 0.47 -14.45
N GLY A 52 -25.14 0.51 -13.11
CA GLY A 52 -24.74 1.73 -12.42
C GLY A 52 -23.38 2.26 -12.86
N THR A 53 -22.43 1.35 -13.13
CA THR A 53 -21.12 1.73 -13.63
C THR A 53 -21.20 2.26 -15.06
N ARG A 54 -21.97 1.58 -15.92
CA ARG A 54 -22.18 2.09 -17.29
C ARG A 54 -22.74 3.50 -17.26
N ALA A 55 -23.72 3.77 -16.41
CA ALA A 55 -24.27 5.12 -16.30
C ALA A 55 -23.24 6.12 -15.79
N ALA A 56 -22.38 5.71 -14.85
CA ALA A 56 -21.35 6.62 -14.36
C ALA A 56 -20.36 6.98 -15.46
N ILE A 57 -19.96 5.98 -16.26
CA ILE A 57 -19.03 6.22 -17.37
C ILE A 57 -19.66 7.12 -18.43
N GLU A 58 -20.93 6.88 -18.78
CA GLU A 58 -21.60 7.73 -19.77
C GLU A 58 -21.72 9.17 -19.26
N SER A 59 -22.06 9.35 -17.98
CA SER A 59 -22.13 10.70 -17.42
C SER A 59 -20.74 11.34 -17.37
N LEU A 60 -19.71 10.56 -17.03
CA LEU A 60 -18.36 11.09 -17.05
C LEU A 60 -17.97 11.57 -18.46
N ARG A 61 -18.32 10.79 -19.48
CA ARG A 61 -18.01 11.18 -20.86
C ARG A 61 -18.68 12.48 -21.23
N ALA A 62 -19.97 12.64 -20.89
CA ALA A 62 -20.66 13.88 -21.24
C ALA A 62 -20.00 15.08 -20.57
N GLN A 63 -19.61 14.94 -19.31
CA GLN A 63 -18.96 16.04 -18.59
C GLN A 63 -17.58 16.32 -19.14
N ILE A 64 -16.82 15.28 -19.48
CA ILE A 64 -15.50 15.45 -20.07
C ILE A 64 -15.58 16.24 -21.38
N SER A 65 -16.61 15.98 -22.19
CA SER A 65 -16.71 16.64 -23.48
C SER A 65 -16.91 18.14 -23.36
N ARG A 66 -17.37 18.63 -22.22
CA ARG A 66 -17.50 20.06 -21.95
C ARG A 66 -16.18 20.73 -21.61
N LEU A 67 -15.20 19.98 -21.13
CA LEU A 67 -14.17 20.55 -20.27
C LEU A 67 -12.75 20.34 -20.76
N ASN A 68 -12.55 19.86 -21.98
CA ASN A 68 -11.20 19.63 -22.51
C ASN A 68 -10.42 18.67 -21.61
N TYR A 69 -11.09 17.62 -21.14
CA TYR A 69 -10.50 16.56 -20.37
C TYR A 69 -10.15 15.39 -21.28
N PRO A 70 -9.28 14.48 -20.84
CA PRO A 70 -8.93 13.32 -21.68
C PRO A 70 -10.07 12.32 -21.75
N PRO A 71 -10.42 11.85 -22.95
CA PRO A 71 -11.46 10.82 -23.07
C PRO A 71 -10.98 9.49 -22.51
N PRO A 72 -11.85 8.78 -21.79
CA PRO A 72 -11.39 7.58 -21.07
C PRO A 72 -11.32 6.36 -21.96
N ARG A 73 -10.34 5.50 -21.66
CA ARG A 73 -10.27 4.17 -22.24
C ARG A 73 -10.66 3.17 -21.16
N ILE A 74 -11.57 2.26 -21.48
CA ILE A 74 -12.17 1.36 -20.50
C ILE A 74 -11.56 -0.02 -20.65
N TYR A 75 -11.11 -0.60 -19.54
CA TYR A 75 -10.77 -2.03 -19.46
C TYR A 75 -11.70 -2.72 -18.47
N GLU A 76 -12.09 -3.95 -18.77
CA GLU A 76 -12.79 -4.76 -17.79
C GLU A 76 -11.96 -5.98 -17.42
N ILE A 77 -12.05 -6.40 -16.17
CA ILE A 77 -11.30 -7.55 -15.71
C ILE A 77 -12.18 -8.44 -14.85
N GLU A 78 -11.88 -9.73 -14.87
CA GLU A 78 -12.44 -10.67 -13.91
C GLU A 78 -11.54 -10.69 -12.69
N ILE A 79 -12.17 -10.83 -11.53
CA ILE A 79 -11.45 -10.93 -10.27
C ILE A 79 -11.70 -12.33 -9.72
N THR A 80 -10.73 -13.22 -9.91
CA THR A 80 -10.80 -14.56 -9.35
C THR A 80 -9.95 -14.69 -8.09
N ASP A 81 -8.69 -14.28 -8.16
CA ASP A 81 -7.86 -14.25 -6.96
C ASP A 81 -6.86 -13.11 -7.10
N PHE A 82 -6.04 -12.95 -6.07
CA PHE A 82 -5.14 -11.82 -5.99
C PHE A 82 -4.14 -11.80 -7.15
N ASN A 83 -3.46 -12.92 -7.39
CA ASN A 83 -2.34 -12.90 -8.32
C ASN A 83 -2.81 -12.84 -9.77
N LEU A 84 -3.90 -13.53 -10.10
CA LEU A 84 -4.42 -13.47 -11.46
C LEU A 84 -4.95 -12.07 -11.79
N ALA A 85 -5.64 -11.43 -10.83
CA ALA A 85 -6.14 -10.08 -11.06
C ALA A 85 -5.00 -9.06 -11.07
N LEU A 86 -3.97 -9.26 -10.24
CA LEU A 86 -2.83 -8.35 -10.27
C LEU A 86 -2.12 -8.40 -11.61
N SER A 87 -2.04 -9.59 -12.22
N SER A 87 -2.05 -9.59 -12.22
CA SER A 87 -1.42 -9.70 -13.53
CA SER A 87 -1.41 -9.69 -13.53
C SER A 87 -2.14 -8.83 -14.54
C SER A 87 -2.15 -8.84 -14.57
N LYS A 88 -3.48 -8.82 -14.49
CA LYS A 88 -4.25 -7.96 -15.40
C LYS A 88 -3.92 -6.49 -15.15
N ILE A 89 -3.86 -6.09 -13.89
CA ILE A 89 -3.60 -4.71 -13.53
C ILE A 89 -2.20 -4.30 -13.96
N LEU A 90 -1.21 -5.17 -13.73
CA LEU A 90 0.16 -4.88 -14.16
C LEU A 90 0.24 -4.72 -15.67
N ASP A 91 -0.53 -5.51 -16.43
CA ASP A 91 -0.48 -5.37 -17.89
C ASP A 91 -0.91 -3.97 -18.29
N ILE A 92 -1.97 -3.45 -17.67
CA ILE A 92 -2.40 -2.10 -17.96
C ILE A 92 -1.37 -1.08 -17.51
N ILE A 93 -0.87 -1.22 -16.28
CA ILE A 93 0.05 -0.24 -15.72
C ILE A 93 1.26 -0.04 -16.62
N LEU A 94 1.79 -1.14 -17.16
CA LEU A 94 3.00 -1.04 -17.98
C LEU A 94 2.75 -0.33 -19.31
N THR A 95 1.50 -0.13 -19.72
CA THR A 95 1.21 0.71 -20.88
C THR A 95 1.11 2.19 -20.54
N LEU A 96 1.16 2.56 -19.25
CA LEU A 96 0.80 3.93 -18.86
C LEU A 96 2.02 4.85 -18.88
N PRO A 97 1.92 6.03 -19.49
CA PRO A 97 2.98 7.02 -19.32
C PRO A 97 3.02 7.55 -17.90
N GLU A 98 4.23 7.84 -17.43
CA GLU A 98 4.43 8.36 -16.09
C GLU A 98 4.40 9.89 -16.10
N PRO A 99 4.04 10.52 -14.99
CA PRO A 99 3.61 9.88 -13.74
C PRO A 99 2.14 9.43 -13.81
N ILE A 100 1.81 8.40 -13.01
CA ILE A 100 0.44 7.89 -12.89
C ILE A 100 -0.24 8.62 -11.73
N ILE A 101 -1.47 9.08 -11.95
CA ILE A 101 -2.29 9.69 -10.90
C ILE A 101 -3.48 8.77 -10.66
N SER A 102 -3.74 8.44 -9.38
CA SER A 102 -4.94 7.68 -9.05
CA SER A 102 -4.89 7.63 -8.99
C SER A 102 -5.64 8.29 -7.84
N ASP A 103 -6.93 8.06 -7.79
CA ASP A 103 -7.74 8.40 -6.62
C ASP A 103 -8.45 7.11 -6.25
N LEU A 104 -8.22 6.64 -5.02
CA LEU A 104 -8.72 5.34 -4.60
C LEU A 104 -10.10 5.41 -3.94
N THR A 105 -10.81 6.53 -4.08
CA THR A 105 -12.07 6.70 -3.36
C THR A 105 -13.28 6.24 -4.17
N MET A 106 -13.08 5.64 -5.35
CA MET A 106 -14.19 5.26 -6.21
C MET A 106 -14.07 3.80 -6.61
N GLY A 107 -15.21 3.14 -6.77
CA GLY A 107 -15.21 1.77 -7.27
C GLY A 107 -14.93 0.72 -6.20
N MET A 108 -14.83 -0.54 -6.64
CA MET A 108 -14.62 -1.65 -5.71
C MET A 108 -13.29 -1.52 -4.96
N ARG A 109 -13.34 -1.84 -3.66
CA ARG A 109 -12.13 -1.82 -2.84
C ARG A 109 -11.10 -2.83 -3.32
N MET A 110 -11.55 -4.00 -3.79
CA MET A 110 -10.62 -5.01 -4.30
C MET A 110 -9.78 -4.45 -5.43
N ILE A 111 -10.41 -3.77 -6.39
CA ILE A 111 -9.69 -3.25 -7.55
C ILE A 111 -8.77 -2.11 -7.13
N ASN A 112 -9.25 -1.23 -6.23
CA ASN A 112 -8.40 -0.15 -5.75
C ASN A 112 -7.18 -0.67 -5.03
N THR A 113 -7.33 -1.75 -4.26
CA THR A 113 -6.20 -2.36 -3.57
C THR A 113 -5.18 -2.87 -4.58
N LEU A 114 -5.67 -3.48 -5.68
CA LEU A 114 -4.77 -3.98 -6.71
C LEU A 114 -4.09 -2.84 -7.47
N ILE A 115 -4.83 -1.75 -7.73
CA ILE A 115 -4.24 -0.60 -8.39
C ILE A 115 -3.11 -0.04 -7.54
N LEU A 116 -3.37 0.17 -6.24
CA LEU A 116 -2.36 0.71 -5.34
C LEU A 116 -1.14 -0.21 -5.25
N LEU A 117 -1.37 -1.51 -5.02
CA LEU A 117 -0.23 -2.42 -4.96
C LEU A 117 0.47 -2.50 -6.32
N GLY A 118 -0.31 -2.47 -7.41
CA GLY A 118 0.29 -2.56 -8.73
C GLY A 118 1.22 -1.39 -9.03
N ILE A 119 0.77 -0.15 -8.78
CA ILE A 119 1.65 0.96 -9.13
CA ILE A 119 1.63 0.99 -9.10
C ILE A 119 2.85 1.02 -8.20
N ILE A 120 2.72 0.57 -6.95
CA ILE A 120 3.87 0.50 -6.05
C ILE A 120 4.91 -0.50 -6.56
N VAL A 121 4.50 -1.75 -6.83
CA VAL A 121 5.49 -2.75 -7.21
C VAL A 121 5.95 -2.57 -8.65
N SER A 122 5.21 -1.82 -9.47
CA SER A 122 5.67 -1.54 -10.82
C SER A 122 6.89 -0.63 -10.85
N ARG A 123 7.21 0.03 -9.72
CA ARG A 123 8.31 0.98 -9.60
C ARG A 123 8.13 2.21 -10.49
N LYS A 124 6.92 2.46 -10.98
CA LYS A 124 6.70 3.67 -11.76
C LYS A 124 6.45 4.86 -10.83
N ARG A 125 6.62 6.06 -11.37
CA ARG A 125 6.27 7.26 -10.64
C ARG A 125 4.76 7.36 -10.54
N PHE A 126 4.24 7.68 -9.37
CA PHE A 126 2.80 7.77 -9.18
C PHE A 126 2.46 8.74 -8.06
N THR A 127 1.24 9.26 -8.11
CA THR A 127 0.69 10.07 -7.03
C THR A 127 -0.71 9.55 -6.73
N VAL A 128 -1.01 9.31 -5.44
CA VAL A 128 -2.34 8.85 -5.02
C VAL A 128 -3.00 9.97 -4.22
N TYR A 129 -4.31 10.13 -4.45
CA TYR A 129 -5.20 10.94 -3.63
C TYR A 129 -6.29 10.02 -3.08
N VAL A 130 -6.70 10.23 -1.84
CA VAL A 130 -7.89 9.53 -1.35
C VAL A 130 -8.62 10.48 -0.41
N ARG A 131 -9.95 10.51 -0.51
CA ARG A 131 -10.73 11.55 0.13
C ARG A 131 -11.80 10.95 1.02
N ASP A 132 -12.33 11.81 1.89
CA ASP A 132 -13.52 11.50 2.69
C ASP A 132 -14.69 11.16 1.76
N GLU A 133 -15.25 9.95 1.89
CA GLU A 133 -16.33 9.53 0.99
C GLU A 133 -17.72 9.62 1.62
N GLY A 134 -17.82 10.07 2.87
CA GLY A 134 -19.10 10.06 3.57
C GLY A 134 -19.73 11.41 3.81
N GLY A 135 -19.29 12.47 3.13
CA GLY A 135 -19.87 13.77 3.35
C GLY A 135 -18.86 14.86 3.69
N GLY A 136 -17.67 14.50 4.17
CA GLY A 136 -16.67 15.47 4.53
C GLY A 136 -15.80 15.85 3.34
N SER A 137 -14.82 16.72 3.61
CA SER A 137 -14.04 17.36 2.55
C SER A 137 -12.53 17.10 2.56
N ARG A 138 -12.00 16.34 3.53
CA ARG A 138 -10.56 16.14 3.59
C ARG A 138 -10.09 15.21 2.50
N VAL A 139 -8.93 15.56 1.94
CA VAL A 139 -8.25 14.78 0.92
C VAL A 139 -6.82 14.60 1.40
N ILE A 140 -6.29 13.39 1.29
CA ILE A 140 -4.88 13.18 1.62
C ILE A 140 -4.17 12.62 0.39
N SER A 141 -2.83 12.70 0.41
CA SER A 141 -2.07 12.34 -0.79
C SER A 141 -0.70 11.80 -0.42
N PHE A 142 -0.18 10.88 -1.24
CA PHE A 142 1.19 10.39 -1.12
C PHE A 142 1.65 9.99 -2.51
N ASN A 143 2.96 9.76 -2.66
CA ASN A 143 3.49 9.47 -3.99
C ASN A 143 4.59 8.42 -3.88
N ASP A 144 5.22 8.09 -5.01
CA ASP A 144 6.25 7.06 -5.02
C ASP A 144 7.44 7.42 -4.14
N ASN A 145 7.72 8.72 -3.98
CA ASN A 145 8.83 9.11 -3.11
C ASN A 145 8.51 8.90 -1.66
N THR A 146 7.23 8.98 -1.28
CA THR A 146 6.83 8.58 0.07
C THR A 146 7.26 7.16 0.37
N ILE A 147 6.92 6.23 -0.52
CA ILE A 147 7.26 4.84 -0.32
C ILE A 147 8.78 4.66 -0.34
N ARG A 148 9.45 5.30 -1.30
CA ARG A 148 10.90 5.22 -1.41
C ARG A 148 11.58 5.66 -0.11
N ALA A 149 11.11 6.78 0.47
CA ALA A 149 11.75 7.30 1.67
C ALA A 149 11.55 6.36 2.86
N LEU A 150 10.36 5.76 2.97
CA LEU A 150 10.07 4.87 4.08
C LEU A 150 10.81 3.55 3.96
N MET A 151 11.11 3.11 2.74
CA MET A 151 11.77 1.82 2.56
C MET A 151 13.21 1.92 2.11
N ARG A 152 13.74 3.14 2.05
CA ARG A 152 15.15 3.34 1.72
C ARG A 152 16.07 2.67 2.75
N ASP A 153 17.16 2.09 2.26
CA ASP A 153 18.24 1.56 3.10
C ASP A 153 19.20 2.70 3.41
N TYR A 154 19.03 3.33 4.56
CA TYR A 154 19.88 4.47 4.93
C TYR A 154 21.24 3.96 5.41
N SER A 155 22.31 4.66 5.04
CA SER A 155 23.65 4.28 5.48
C SER A 155 23.79 4.48 6.99
N ARG A 156 24.82 3.84 7.56
CA ARG A 156 25.10 4.00 8.98
C ARG A 156 25.22 5.48 9.35
N GLU A 157 25.95 6.25 8.54
CA GLU A 157 26.12 7.67 8.81
C GLU A 157 24.81 8.44 8.66
N GLU A 158 24.00 8.09 7.65
CA GLU A 158 22.69 8.71 7.51
C GLU A 158 21.81 8.39 8.71
N MET A 159 21.83 7.13 9.16
CA MET A 159 21.00 6.76 10.31
CA MET A 159 21.01 6.75 10.31
C MET A 159 21.42 7.53 11.56
N LYS A 160 22.73 7.70 11.77
CA LYS A 160 23.22 8.49 12.90
C LYS A 160 22.66 9.91 12.86
N LEU A 161 22.77 10.56 11.70
CA LEU A 161 22.22 11.90 11.53
C LEU A 161 20.73 11.94 11.85
N LEU A 162 19.96 11.01 11.28
CA LEU A 162 18.51 11.03 11.48
C LEU A 162 18.17 10.82 12.96
N ASN A 163 18.92 9.94 13.66
CA ASN A 163 18.58 9.66 15.05
C ASN A 163 18.91 10.84 15.96
N VAL A 164 20.03 11.51 15.68
CA VAL A 164 20.38 12.69 16.47
C VAL A 164 19.34 13.79 16.29
N LEU A 165 18.86 13.98 15.06
CA LEU A 165 17.80 14.97 14.84
C LEU A 165 16.55 14.59 15.62
N TYR A 166 16.20 13.30 15.64
CA TYR A 166 15.03 12.87 16.40
C TYR A 166 15.23 13.12 17.89
N GLU A 167 16.42 12.81 18.41
CA GLU A 167 16.64 12.90 19.85
C GLU A 167 16.74 14.33 20.34
N THR A 168 17.24 15.25 19.52
CA THR A 168 17.32 16.66 19.89
C THR A 168 16.04 17.42 19.59
N LYS A 169 15.13 16.81 18.83
CA LYS A 169 13.99 17.52 18.22
C LYS A 169 14.44 18.70 17.36
N GLY A 170 15.68 18.61 16.85
CA GLY A 170 16.16 19.63 15.94
C GLY A 170 17.35 20.35 16.51
N THR A 171 18.39 20.58 15.71
CA THR A 171 19.51 21.34 16.22
C THR A 171 20.23 22.00 15.04
N GLY A 172 21.08 22.97 15.39
CA GLY A 172 21.78 23.72 14.37
C GLY A 172 22.91 22.94 13.72
N ILE A 173 23.27 23.41 12.52
CA ILE A 173 24.35 22.81 11.74
C ILE A 173 25.62 22.68 12.58
N THR A 174 26.01 23.77 13.27
CA THR A 174 27.25 23.76 14.03
C THR A 174 27.23 22.69 15.11
N GLU A 175 26.11 22.59 15.85
CA GLU A 175 25.97 21.59 16.90
C GLU A 175 25.92 20.18 16.31
N LEU A 176 25.21 20.02 15.20
N LEU A 176 25.19 20.01 15.22
CA LEU A 176 25.11 18.73 14.53
CA LEU A 176 25.12 18.72 14.52
C LEU A 176 26.47 18.23 14.06
C LEU A 176 26.51 18.23 14.13
N ALA A 177 27.30 19.12 13.54
CA ALA A 177 28.64 18.73 13.09
C ALA A 177 29.50 18.25 14.26
N LYS A 178 29.37 18.89 15.43
CA LYS A 178 30.10 18.43 16.61
C LYS A 178 29.60 17.07 17.07
N MET A 179 28.28 16.88 17.15
CA MET A 179 27.73 15.63 17.66
C MET A 179 28.05 14.44 16.77
N LEU A 180 28.16 14.68 15.45
CA LEU A 180 28.48 13.64 14.48
C LEU A 180 29.95 13.62 14.08
N ASP A 181 30.80 14.46 14.69
CA ASP A 181 32.23 14.52 14.38
C ASP A 181 32.47 14.68 12.87
N LYS A 182 31.84 15.69 12.29
CA LYS A 182 31.99 15.98 10.86
C LYS A 182 32.33 17.46 10.69
N SER A 183 32.79 17.81 9.49
CA SER A 183 32.97 19.21 9.14
C SER A 183 31.62 19.83 8.81
N GLU A 184 31.52 21.15 9.04
CA GLU A 184 30.27 21.82 8.69
C GLU A 184 29.97 21.67 7.20
N LYS A 185 31.00 21.80 6.35
CA LYS A 185 30.78 21.73 4.90
C LYS A 185 30.13 20.42 4.49
N THR A 186 30.65 19.30 4.95
CA THR A 186 30.09 18.04 4.49
C THR A 186 28.69 17.83 5.04
N LEU A 187 28.42 18.32 6.24
CA LEU A 187 27.07 18.18 6.79
C LEU A 187 26.07 19.04 6.03
N ILE A 188 26.45 20.28 5.72
CA ILE A 188 25.57 21.17 4.95
C ILE A 188 25.18 20.53 3.63
N ASN A 189 26.14 19.89 2.95
CA ASN A 189 25.85 19.23 1.68
C ASN A 189 24.87 18.07 1.86
N LYS A 190 25.10 17.22 2.86
CA LYS A 190 24.14 16.14 3.12
C LYS A 190 22.76 16.68 3.45
N ILE A 191 22.69 17.75 4.25
CA ILE A 191 21.39 18.26 4.65
C ILE A 191 20.65 18.84 3.43
N ALA A 192 21.37 19.53 2.54
CA ALA A 192 20.77 20.01 1.30
C ALA A 192 20.23 18.86 0.47
N GLU A 193 20.95 17.75 0.41
CA GLU A 193 20.50 16.59 -0.33
C GLU A 193 19.20 16.03 0.25
N LEU A 194 19.13 15.90 1.58
CA LEU A 194 17.96 15.28 2.18
C LEU A 194 16.77 16.23 2.30
N LYS A 195 17.02 17.55 2.26
CA LYS A 195 15.90 18.49 2.07
C LYS A 195 15.26 18.27 0.71
N LYS A 196 16.09 18.20 -0.34
CA LYS A 196 15.60 18.01 -1.69
C LYS A 196 14.89 16.66 -1.82
N PHE A 197 15.45 15.62 -1.18
CA PHE A 197 14.82 14.30 -1.14
C PHE A 197 13.49 14.32 -0.39
N GLY A 198 13.35 15.21 0.59
CA GLY A 198 12.07 15.48 1.20
C GLY A 198 11.86 15.00 2.63
N ILE A 199 12.92 14.83 3.43
CA ILE A 199 12.74 14.29 4.78
C ILE A 199 13.27 15.23 5.86
N LEU A 200 13.84 16.38 5.49
CA LEU A 200 14.45 17.35 6.40
C LEU A 200 13.93 18.75 6.13
N THR A 201 13.89 19.57 7.18
CA THR A 201 13.53 20.98 7.07
C THR A 201 14.33 21.77 8.11
N GLN A 202 14.39 23.09 7.93
N GLN A 202 14.17 23.09 8.07
CA GLN A 202 15.14 23.97 8.84
CA GLN A 202 15.04 24.07 8.70
C GLN A 202 14.17 24.94 9.52
C GLN A 202 14.29 24.98 9.69
N LYS A 203 13.36 24.42 10.44
CA LYS A 203 12.38 25.22 11.17
C LYS A 203 13.01 26.12 12.25
N GLY A 204 12.21 27.03 12.78
CA GLY A 204 12.62 27.93 13.84
C GLY A 204 13.40 29.13 13.34
N LYS A 205 13.52 30.13 14.22
CA LYS A 205 14.25 31.36 13.93
C LYS A 205 15.76 31.22 14.09
N ASP A 206 16.23 30.13 14.69
CA ASP A 206 17.66 29.87 14.87
C ASP A 206 18.23 28.92 13.83
N ARG A 207 17.47 28.58 12.79
CA ARG A 207 17.93 27.75 11.68
C ARG A 207 18.29 26.32 12.11
N LYS A 208 17.57 25.78 13.08
CA LYS A 208 17.76 24.39 13.46
C LYS A 208 17.27 23.47 12.34
N VAL A 209 17.99 22.39 12.11
CA VAL A 209 17.58 21.35 11.18
C VAL A 209 16.75 20.33 11.94
N GLU A 210 15.64 19.88 11.35
CA GLU A 210 14.83 18.84 11.97
C GLU A 210 14.24 17.92 10.90
N LEU A 211 13.80 16.75 11.36
CA LEU A 211 13.00 15.87 10.53
C LEU A 211 11.67 16.55 10.20
N ASN A 212 11.23 16.48 8.95
CA ASN A 212 9.89 16.96 8.62
C ASN A 212 8.87 15.84 8.85
N GLU A 213 7.62 16.03 8.41
CA GLU A 213 6.59 15.03 8.70
C GLU A 213 6.95 13.66 8.15
N LEU A 214 7.51 13.62 6.93
CA LEU A 214 7.91 12.35 6.34
C LEU A 214 9.12 11.77 7.10
N GLY A 215 10.12 12.60 7.40
CA GLY A 215 11.26 12.16 8.19
C GLY A 215 10.89 11.58 9.55
N LEU A 216 9.84 12.11 10.19
CA LEU A 216 9.39 11.52 11.45
C LEU A 216 8.85 10.11 11.26
N ASN A 217 8.27 9.80 10.10
CA ASN A 217 7.86 8.42 9.82
C ASN A 217 9.07 7.56 9.47
N VAL A 218 10.03 8.11 8.73
CA VAL A 218 11.25 7.35 8.39
C VAL A 218 11.97 6.88 9.67
N ILE A 219 12.06 7.76 10.67
CA ILE A 219 12.81 7.41 11.88
C ILE A 219 12.12 6.31 12.68
N LYS A 220 10.78 6.25 12.61
CA LYS A 220 10.03 5.16 13.27
C LYS A 220 10.40 3.79 12.73
N LEU A 221 10.79 3.72 11.45
CA LEU A 221 11.17 2.46 10.83
C LEU A 221 12.68 2.22 10.85
N ASN A 222 13.43 3.04 11.59
CA ASN A 222 14.88 2.99 11.57
C ASN A 222 15.45 3.34 12.95
N LYS A 223 15.01 2.63 13.98
CA LYS A 223 15.40 2.92 15.38
C LYS A 223 14.77 4.22 15.87
N MET B 12 -1.18 -16.45 19.49
CA MET B 12 -1.77 -15.10 19.61
C MET B 12 -1.70 -14.32 18.29
N LYS B 13 -2.58 -13.34 18.15
CA LYS B 13 -2.88 -12.64 16.90
C LYS B 13 -3.25 -11.20 17.22
N SER B 14 -3.07 -10.33 16.22
CA SER B 14 -3.69 -9.00 16.31
C SER B 14 -4.68 -8.86 15.16
N TYR B 15 -5.75 -8.13 15.46
CA TYR B 15 -6.70 -7.65 14.46
C TYR B 15 -6.56 -6.14 14.41
N PHE B 16 -6.44 -5.59 13.20
CA PHE B 16 -6.18 -4.16 13.03
C PHE B 16 -7.07 -3.67 11.90
N VAL B 17 -8.15 -2.97 12.24
CA VAL B 17 -9.19 -2.59 11.28
C VAL B 17 -9.65 -1.16 11.57
N THR B 18 -10.43 -0.62 10.64
CA THR B 18 -11.15 0.63 10.91
C THR B 18 -12.65 0.42 10.72
N MET B 19 -13.45 0.97 11.63
CA MET B 19 -14.88 0.71 11.65
C MET B 19 -15.65 1.76 10.84
N GLY B 20 -16.57 1.29 9.99
CA GLY B 20 -17.55 2.15 9.35
C GLY B 20 -18.85 2.14 10.14
N PHE B 21 -19.98 1.81 9.50
CA PHE B 21 -21.28 1.76 10.16
C PHE B 21 -21.81 0.35 10.32
N ASN B 22 -21.00 -0.67 10.05
CA ASN B 22 -21.46 -2.06 9.97
C ASN B 22 -20.46 -2.96 10.67
N GLU B 23 -20.78 -3.36 11.91
CA GLU B 23 -19.90 -4.23 12.67
C GLU B 23 -19.87 -5.67 12.16
N THR B 24 -20.79 -6.07 11.27
CA THR B 24 -20.82 -7.48 10.90
C THR B 24 -19.66 -7.88 10.00
N PHE B 25 -19.03 -6.92 9.31
CA PHE B 25 -17.79 -7.22 8.58
C PHE B 25 -16.73 -7.75 9.55
N LEU B 26 -16.55 -7.07 10.68
CA LEU B 26 -15.53 -7.48 11.64
C LEU B 26 -15.92 -8.78 12.33
N LEU B 27 -17.21 -8.91 12.72
CA LEU B 27 -17.65 -10.16 13.35
C LEU B 27 -17.39 -11.36 12.44
N ARG B 28 -17.66 -11.21 11.13
CA ARG B 28 -17.36 -12.30 10.20
C ARG B 28 -15.87 -12.61 10.19
N LEU B 29 -15.03 -11.57 10.15
CA LEU B 29 -13.58 -11.77 10.17
C LEU B 29 -13.14 -12.49 11.43
N LEU B 30 -13.63 -12.05 12.58
CA LEU B 30 -13.27 -12.68 13.86
C LEU B 30 -13.72 -14.13 13.90
N ASN B 31 -14.94 -14.39 13.41
CA ASN B 31 -15.46 -15.75 13.37
C ASN B 31 -14.67 -16.64 12.42
N GLU B 32 -14.35 -16.13 11.22
CA GLU B 32 -13.70 -16.95 10.20
C GLU B 32 -12.24 -17.25 10.52
N THR B 33 -11.56 -16.38 11.27
CA THR B 33 -10.17 -16.61 11.63
C THR B 33 -10.01 -17.02 13.09
N SER B 34 -11.07 -17.52 13.72
CA SER B 34 -11.04 -18.07 15.09
C SER B 34 -10.37 -17.11 16.08
N ALA B 35 -10.95 -15.93 16.24
CA ALA B 35 -10.44 -14.96 17.20
C ALA B 35 -10.44 -15.54 18.62
N GLN B 36 -9.35 -15.31 19.34
CA GLN B 36 -9.18 -15.78 20.71
C GLN B 36 -9.33 -14.61 21.68
N LYS B 37 -9.75 -14.93 22.90
CA LYS B 37 -9.89 -13.91 23.93
C LYS B 37 -8.57 -13.17 24.18
N GLU B 38 -7.45 -13.84 23.99
CA GLU B 38 -6.13 -13.27 24.25
C GLU B 38 -5.55 -12.50 23.07
N ASP B 39 -6.23 -12.49 21.91
CA ASP B 39 -5.75 -11.71 20.78
C ASP B 39 -5.87 -10.22 21.06
N SER B 40 -5.18 -9.42 20.26
CA SER B 40 -5.34 -7.98 20.28
C SER B 40 -6.37 -7.59 19.22
N LEU B 41 -7.33 -6.77 19.62
CA LEU B 41 -8.34 -6.23 18.72
C LEU B 41 -8.25 -4.72 18.79
N VAL B 42 -7.69 -4.10 17.74
CA VAL B 42 -7.50 -2.66 17.69
C VAL B 42 -8.32 -2.11 16.53
N ILE B 43 -9.10 -1.06 16.81
CA ILE B 43 -9.99 -0.47 15.82
C ILE B 43 -9.72 1.02 15.75
N VAL B 44 -9.37 1.51 14.57
CA VAL B 44 -9.09 2.92 14.34
C VAL B 44 -10.36 3.58 13.80
N VAL B 45 -10.71 4.74 14.35
CA VAL B 45 -11.89 5.44 13.84
C VAL B 45 -11.51 6.89 13.60
N PRO B 46 -12.19 7.57 12.69
CA PRO B 46 -11.97 9.00 12.52
C PRO B 46 -12.54 9.78 13.69
N SER B 47 -12.10 11.02 13.79
CA SER B 47 -12.51 11.97 14.81
C SER B 47 -13.30 13.08 14.14
N PRO B 48 -14.51 13.41 14.60
CA PRO B 48 -15.28 12.80 15.69
C PRO B 48 -15.85 11.45 15.28
N ILE B 49 -16.14 10.61 16.27
CA ILE B 49 -16.82 9.35 16.00
C ILE B 49 -18.28 9.67 15.71
N VAL B 50 -18.74 9.33 14.50
CA VAL B 50 -20.10 9.67 14.13
C VAL B 50 -21.08 8.63 14.67
N SER B 51 -22.38 8.95 14.63
CA SER B 51 -23.38 8.12 15.29
CA SER B 51 -23.40 8.13 15.28
C SER B 51 -23.39 6.69 14.74
N GLY B 52 -23.28 6.53 13.42
CA GLY B 52 -23.31 5.18 12.87
C GLY B 52 -22.16 4.32 13.33
N THR B 53 -20.97 4.92 13.47
CA THR B 53 -19.79 4.18 13.91
C THR B 53 -19.89 3.84 15.40
N ARG B 54 -20.36 4.79 16.21
CA ARG B 54 -20.54 4.51 17.64
C ARG B 54 -21.49 3.34 17.87
N ALA B 55 -22.60 3.31 17.12
CA ALA B 55 -23.57 2.22 17.25
C ALA B 55 -22.93 0.88 16.91
N ALA B 56 -22.11 0.85 15.86
CA ALA B 56 -21.44 -0.38 15.44
C ALA B 56 -20.45 -0.87 16.49
N ILE B 57 -19.68 0.05 17.09
CA ILE B 57 -18.73 -0.35 18.12
C ILE B 57 -19.46 -0.82 19.37
N GLU B 58 -20.53 -0.13 19.76
CA GLU B 58 -21.27 -0.55 20.95
C GLU B 58 -21.94 -1.91 20.70
N SER B 59 -22.42 -2.15 19.47
CA SER B 59 -22.95 -3.46 19.16
C SER B 59 -21.87 -4.54 19.29
N LEU B 60 -20.67 -4.25 18.80
CA LEU B 60 -19.56 -5.18 18.96
C LEU B 60 -19.28 -5.45 20.44
N ARG B 61 -19.21 -4.39 21.24
CA ARG B 61 -18.95 -4.55 22.67
C ARG B 61 -20.00 -5.43 23.35
N ALA B 62 -21.25 -5.38 22.88
CA ALA B 62 -22.31 -6.20 23.48
C ALA B 62 -22.23 -7.67 23.09
N GLN B 63 -21.26 -8.06 22.23
CA GLN B 63 -21.05 -9.45 21.81
CA GLN B 63 -21.09 -9.47 21.88
C GLN B 63 -19.77 -10.07 22.35
N ILE B 64 -18.82 -9.24 22.81
CA ILE B 64 -17.47 -9.69 23.19
CA ILE B 64 -17.49 -9.79 23.10
C ILE B 64 -17.52 -10.77 24.27
N SER B 65 -18.38 -10.59 25.27
CA SER B 65 -18.37 -11.55 26.38
C SER B 65 -18.94 -12.89 25.94
N ARG B 66 -20.04 -12.87 25.20
CA ARG B 66 -20.68 -14.10 24.74
C ARG B 66 -19.77 -14.88 23.80
N LEU B 67 -19.01 -14.18 22.95
CA LEU B 67 -18.18 -14.83 21.95
C LEU B 67 -16.74 -15.06 22.42
N ASN B 68 -16.40 -14.70 23.67
CA ASN B 68 -15.05 -14.87 24.22
C ASN B 68 -14.00 -14.17 23.37
N TYR B 69 -14.30 -12.94 23.00
CA TYR B 69 -13.43 -12.06 22.24
C TYR B 69 -12.78 -11.04 23.17
N PRO B 70 -11.64 -10.46 22.77
CA PRO B 70 -11.07 -9.38 23.57
C PRO B 70 -11.91 -8.13 23.42
N PRO B 71 -12.02 -7.32 24.47
CA PRO B 71 -12.63 -5.99 24.30
C PRO B 71 -11.83 -5.18 23.28
N PRO B 72 -12.50 -4.45 22.39
CA PRO B 72 -11.77 -3.71 21.37
C PRO B 72 -11.09 -2.47 21.96
N ARG B 73 -9.90 -2.18 21.46
CA ARG B 73 -9.18 -0.96 21.82
C ARG B 73 -9.40 0.05 20.68
N ILE B 74 -10.14 1.13 20.98
CA ILE B 74 -10.48 2.13 19.98
C ILE B 74 -9.41 3.22 19.97
N TYR B 75 -8.87 3.52 18.80
CA TYR B 75 -8.04 4.71 18.59
C TYR B 75 -8.78 5.64 17.66
N GLU B 76 -9.04 6.87 18.10
CA GLU B 76 -9.67 7.83 17.21
C GLU B 76 -8.62 8.83 16.75
N ILE B 77 -8.55 9.10 15.45
CA ILE B 77 -7.46 9.93 14.94
C ILE B 77 -8.01 11.03 14.03
N GLU B 78 -7.48 12.23 14.21
CA GLU B 78 -7.75 13.32 13.28
C GLU B 78 -6.93 13.12 12.02
N ILE B 79 -7.57 13.31 10.88
CA ILE B 79 -6.88 13.21 9.61
C ILE B 79 -6.80 14.62 9.03
N THR B 80 -5.59 15.17 8.98
CA THR B 80 -5.37 16.41 8.25
C THR B 80 -4.47 16.22 7.05
N ASP B 81 -3.37 15.46 7.17
CA ASP B 81 -2.62 15.10 5.99
C ASP B 81 -2.12 13.65 6.14
N PHE B 82 -1.51 13.17 5.06
CA PHE B 82 -1.11 11.77 5.00
C PHE B 82 -0.08 11.43 6.08
N ASN B 83 1.00 12.21 6.16
CA ASN B 83 2.14 11.80 6.99
C ASN B 83 1.81 11.86 8.47
N LEU B 84 1.07 12.89 8.90
CA LEU B 84 0.69 12.97 10.30
C LEU B 84 -0.21 11.81 10.70
N ALA B 85 -1.13 11.40 9.82
CA ALA B 85 -2.00 10.28 10.13
C ALA B 85 -1.25 8.96 10.10
N LEU B 86 -0.35 8.79 9.12
CA LEU B 86 0.46 7.59 9.06
C LEU B 86 1.31 7.42 10.33
N SER B 87 1.78 8.52 10.91
CA SER B 87 2.58 8.41 12.14
C SER B 87 1.79 7.74 13.25
N LYS B 88 0.52 8.12 13.42
CA LYS B 88 -0.31 7.52 14.46
C LYS B 88 -0.57 6.05 14.16
N ILE B 89 -0.78 5.72 12.88
CA ILE B 89 -1.01 4.34 12.48
C ILE B 89 0.22 3.48 12.72
N LEU B 90 1.39 3.99 12.31
CA LEU B 90 2.65 3.28 12.53
C LEU B 90 2.92 3.05 14.01
N ASP B 91 2.66 4.06 14.85
CA ASP B 91 2.85 3.90 16.29
C ASP B 91 2.05 2.71 16.81
N ILE B 92 0.79 2.58 16.36
CA ILE B 92 -0.02 1.42 16.75
C ILE B 92 0.58 0.15 16.19
N ILE B 93 0.88 0.14 14.89
CA ILE B 93 1.35 -1.10 14.24
C ILE B 93 2.56 -1.65 14.97
N LEU B 94 3.54 -0.80 15.25
CA LEU B 94 4.79 -1.27 15.82
C LEU B 94 4.61 -1.91 17.19
N THR B 95 3.46 -1.71 17.86
CA THR B 95 3.18 -2.36 19.14
C THR B 95 2.39 -3.66 19.02
N LEU B 96 1.89 -4.01 17.85
CA LEU B 96 0.97 -5.14 17.73
C LEU B 96 1.73 -6.46 17.69
N PRO B 97 1.29 -7.46 18.44
CA PRO B 97 1.85 -8.81 18.25
C PRO B 97 1.49 -9.35 16.87
N GLU B 98 2.38 -10.14 16.30
CA GLU B 98 2.25 -10.64 14.95
C GLU B 98 1.69 -12.04 14.93
N PRO B 99 0.99 -12.45 13.87
CA PRO B 99 0.67 -11.66 12.69
C PRO B 99 -0.50 -10.70 12.90
N ILE B 100 -0.47 -9.61 12.13
CA ILE B 100 -1.54 -8.62 12.08
C ILE B 100 -2.55 -9.07 11.03
N ILE B 101 -3.81 -9.21 11.43
CA ILE B 101 -4.89 -9.58 10.52
C ILE B 101 -5.67 -8.33 10.18
N SER B 102 -5.78 -8.03 8.89
CA SER B 102 -6.42 -6.82 8.40
C SER B 102 -7.49 -7.18 7.38
N ASP B 103 -8.58 -6.42 7.36
CA ASP B 103 -9.65 -6.62 6.39
C ASP B 103 -10.10 -5.24 5.94
N LEU B 104 -9.77 -4.89 4.70
CA LEU B 104 -9.98 -3.55 4.18
C LEU B 104 -11.38 -3.32 3.62
N THR B 105 -12.30 -4.26 3.85
CA THR B 105 -13.64 -4.14 3.32
C THR B 105 -14.49 -3.14 4.10
N MET B 106 -14.07 -2.76 5.31
CA MET B 106 -14.87 -1.96 6.22
C MET B 106 -14.18 -0.62 6.47
N GLY B 107 -14.99 0.42 6.68
CA GLY B 107 -14.48 1.70 7.15
C GLY B 107 -13.94 2.61 6.04
N MET B 108 -13.59 3.82 6.43
CA MET B 108 -13.19 4.86 5.47
C MET B 108 -11.98 4.44 4.66
N ARG B 109 -12.02 4.70 3.36
CA ARG B 109 -10.90 4.37 2.48
C ARG B 109 -9.61 5.09 2.84
N MET B 110 -9.69 6.33 3.33
CA MET B 110 -8.47 7.02 3.73
C MET B 110 -7.75 6.24 4.81
N ILE B 111 -8.48 5.76 5.82
CA ILE B 111 -7.82 5.07 6.92
C ILE B 111 -7.33 3.70 6.47
N ASN B 112 -8.13 3.01 5.64
CA ASN B 112 -7.69 1.71 5.13
C ASN B 112 -6.41 1.85 4.33
N THR B 113 -6.29 2.93 3.55
CA THR B 113 -5.08 3.15 2.78
C THR B 113 -3.89 3.32 3.71
N LEU B 114 -4.08 4.04 4.81
CA LEU B 114 -3.02 4.21 5.82
C LEU B 114 -2.64 2.87 6.46
N ILE B 115 -3.65 2.10 6.87
CA ILE B 115 -3.39 0.79 7.45
C ILE B 115 -2.56 -0.07 6.50
N LEU B 116 -2.96 -0.11 5.23
CA LEU B 116 -2.28 -0.99 4.28
C LEU B 116 -0.84 -0.55 4.02
N LEU B 117 -0.63 0.73 3.78
CA LEU B 117 0.75 1.20 3.60
C LEU B 117 1.55 1.02 4.88
N GLY B 118 0.93 1.32 6.04
CA GLY B 118 1.61 1.14 7.31
C GLY B 118 2.11 -0.27 7.52
N ILE B 119 1.23 -1.28 7.34
CA ILE B 119 1.69 -2.63 7.63
C ILE B 119 2.75 -3.06 6.63
N ILE B 120 2.66 -2.59 5.36
CA ILE B 120 3.67 -2.93 4.37
C ILE B 120 5.03 -2.33 4.75
N VAL B 121 5.07 -1.03 5.06
CA VAL B 121 6.38 -0.41 5.30
C VAL B 121 6.95 -0.82 6.65
N SER B 122 6.11 -1.30 7.57
CA SER B 122 6.58 -1.77 8.87
C SER B 122 7.36 -3.07 8.80
N ARG B 123 7.25 -3.81 7.69
CA ARG B 123 7.86 -5.12 7.47
C ARG B 123 7.36 -6.19 8.43
N LYS B 124 6.28 -5.94 9.16
CA LYS B 124 5.76 -6.95 10.07
C LYS B 124 4.94 -7.98 9.30
N ARG B 125 4.77 -9.16 9.90
CA ARG B 125 3.96 -10.21 9.30
C ARG B 125 2.49 -9.84 9.36
N PHE B 126 1.78 -10.11 8.26
CA PHE B 126 0.37 -9.73 8.17
C PHE B 126 -0.32 -10.58 7.12
N THR B 127 -1.64 -10.69 7.27
CA THR B 127 -2.55 -11.14 6.22
C THR B 127 -3.60 -10.07 6.00
N VAL B 128 -3.82 -9.68 4.75
CA VAL B 128 -4.90 -8.75 4.40
C VAL B 128 -5.97 -9.49 3.61
N TYR B 129 -7.23 -9.21 3.92
CA TYR B 129 -8.39 -9.63 3.13
C TYR B 129 -9.07 -8.40 2.53
N VAL B 130 -9.54 -8.53 1.27
CA VAL B 130 -10.43 -7.53 0.67
C VAL B 130 -11.53 -8.29 -0.05
N ARG B 131 -12.78 -7.95 0.26
CA ARG B 131 -13.92 -8.69 -0.25
C ARG B 131 -14.80 -7.80 -1.12
N ASP B 132 -15.69 -8.46 -1.85
CA ASP B 132 -16.82 -7.79 -2.46
C ASP B 132 -17.66 -7.13 -1.38
N GLU B 133 -17.79 -5.79 -1.45
CA GLU B 133 -18.54 -5.06 -0.43
C GLU B 133 -19.97 -5.56 -0.32
N GLY B 134 -20.62 -5.80 -1.46
CA GLY B 134 -21.98 -6.28 -1.51
C GLY B 134 -22.16 -7.74 -1.19
N GLY B 135 -21.13 -8.41 -0.69
CA GLY B 135 -21.24 -9.80 -0.32
C GLY B 135 -20.91 -10.75 -1.45
N GLY B 136 -21.20 -12.02 -1.20
CA GLY B 136 -20.90 -13.05 -2.17
C GLY B 136 -19.55 -13.69 -1.92
N SER B 137 -19.01 -14.27 -2.99
CA SER B 137 -17.84 -15.12 -2.87
C SER B 137 -16.54 -14.45 -3.30
N ARG B 138 -16.60 -13.33 -4.01
CA ARG B 138 -15.39 -12.68 -4.48
C ARG B 138 -14.57 -12.15 -3.30
N VAL B 139 -13.30 -12.57 -3.22
CA VAL B 139 -12.41 -12.13 -2.17
C VAL B 139 -10.98 -12.29 -2.68
N ILE B 140 -10.11 -11.36 -2.28
CA ILE B 140 -8.68 -11.51 -2.54
C ILE B 140 -7.95 -11.40 -1.21
N SER B 141 -6.76 -11.97 -1.17
CA SER B 141 -5.98 -12.00 0.05
C SER B 141 -4.49 -12.07 -0.30
N PHE B 142 -3.67 -11.49 0.57
CA PHE B 142 -2.23 -11.45 0.37
C PHE B 142 -1.58 -11.23 1.73
N ASN B 143 -0.27 -11.45 1.79
CA ASN B 143 0.44 -11.35 3.06
C ASN B 143 1.78 -10.66 2.86
N ASP B 144 2.55 -10.55 3.94
CA ASP B 144 3.83 -9.85 3.86
C ASP B 144 4.80 -10.54 2.91
N ASN B 145 4.69 -11.86 2.78
CA ASN B 145 5.57 -12.59 1.87
C ASN B 145 5.21 -12.30 0.41
N THR B 146 3.92 -12.13 0.13
CA THR B 146 3.49 -11.70 -1.20
C THR B 146 4.17 -10.41 -1.61
N ILE B 147 4.13 -9.41 -0.71
CA ILE B 147 4.65 -8.10 -1.04
C ILE B 147 6.16 -8.14 -1.15
N ARG B 148 6.83 -8.83 -0.21
CA ARG B 148 8.29 -8.95 -0.28
C ARG B 148 8.72 -9.60 -1.60
N ALA B 149 7.96 -10.59 -2.07
CA ALA B 149 8.32 -11.28 -3.31
C ALA B 149 8.20 -10.35 -4.51
N LEU B 150 7.15 -9.53 -4.54
CA LEU B 150 6.93 -8.61 -5.64
C LEU B 150 7.91 -7.43 -5.61
N MET B 151 8.37 -7.03 -4.42
CA MET B 151 9.27 -5.90 -4.28
C MET B 151 10.74 -6.30 -4.24
N ARG B 152 11.05 -7.60 -4.14
CA ARG B 152 12.44 -8.06 -4.10
C ARG B 152 13.17 -7.70 -5.39
N ASP B 153 14.47 -7.45 -5.26
CA ASP B 153 15.35 -7.31 -6.42
C ASP B 153 15.91 -8.68 -6.79
N TYR B 154 15.67 -9.10 -8.02
CA TYR B 154 16.10 -10.41 -8.48
C TYR B 154 17.34 -10.25 -9.36
N SER B 155 18.35 -11.08 -9.10
CA SER B 155 19.56 -11.07 -9.90
C SER B 155 19.27 -11.58 -11.31
N ARG B 156 20.18 -11.27 -12.24
CA ARG B 156 20.03 -11.79 -13.60
C ARG B 156 20.12 -13.30 -13.63
N GLU B 157 20.90 -13.91 -12.72
CA GLU B 157 20.94 -15.36 -12.64
C GLU B 157 19.62 -15.92 -12.12
N GLU B 158 19.03 -15.26 -11.13
CA GLU B 158 17.71 -15.70 -10.65
C GLU B 158 16.66 -15.55 -11.72
N MET B 159 16.69 -14.43 -12.45
CA MET B 159 15.72 -14.22 -13.52
C MET B 159 15.89 -15.21 -14.66
N LYS B 160 17.12 -15.65 -14.93
CA LYS B 160 17.32 -16.67 -15.96
C LYS B 160 16.75 -18.00 -15.52
N LEU B 161 16.88 -18.33 -14.23
CA LEU B 161 16.20 -19.51 -13.70
C LEU B 161 14.69 -19.39 -13.86
N LEU B 162 14.13 -18.26 -13.39
CA LEU B 162 12.68 -18.10 -13.45
C LEU B 162 12.18 -18.10 -14.88
N ASN B 163 12.93 -17.47 -15.79
CA ASN B 163 12.49 -17.40 -17.19
C ASN B 163 12.54 -18.75 -17.88
N VAL B 164 13.51 -19.60 -17.53
CA VAL B 164 13.51 -20.96 -18.07
C VAL B 164 12.26 -21.71 -17.59
N LEU B 165 11.92 -21.57 -16.31
CA LEU B 165 10.73 -22.22 -15.79
C LEU B 165 9.47 -21.71 -16.47
N TYR B 166 9.44 -20.42 -16.81
CA TYR B 166 8.31 -19.86 -17.56
C TYR B 166 8.22 -20.47 -18.96
N GLU B 167 9.36 -20.72 -19.60
CA GLU B 167 9.32 -21.26 -20.94
C GLU B 167 8.96 -22.75 -20.95
N THR B 168 9.53 -23.52 -20.03
CA THR B 168 9.30 -24.97 -19.99
C THR B 168 7.99 -25.36 -19.30
N LYS B 169 7.37 -24.44 -18.56
CA LYS B 169 6.20 -24.75 -17.74
C LYS B 169 6.51 -25.85 -16.72
N GLY B 170 7.78 -25.99 -16.35
CA GLY B 170 8.15 -26.97 -15.34
C GLY B 170 9.29 -27.90 -15.73
N THR B 171 10.32 -28.00 -14.90
CA THR B 171 11.46 -28.84 -15.20
C THR B 171 11.99 -29.47 -13.91
N GLY B 172 12.42 -30.72 -13.99
CA GLY B 172 13.04 -31.36 -12.86
C GLY B 172 14.44 -30.82 -12.59
N ILE B 173 14.86 -31.00 -11.34
CA ILE B 173 16.13 -30.42 -10.88
C ILE B 173 17.28 -30.87 -11.75
N THR B 174 17.37 -32.18 -12.02
CA THR B 174 18.48 -32.70 -12.81
C THR B 174 18.55 -32.02 -14.17
N GLU B 175 17.44 -32.00 -14.91
CA GLU B 175 17.44 -31.37 -16.23
C GLU B 175 17.60 -29.86 -16.12
N LEU B 176 17.00 -29.24 -15.11
CA LEU B 176 17.14 -27.80 -14.91
C LEU B 176 18.60 -27.41 -14.68
N ALA B 177 19.32 -28.18 -13.85
CA ALA B 177 20.73 -27.90 -13.59
C ALA B 177 21.54 -27.92 -14.86
N LYS B 178 21.29 -28.93 -15.72
CA LYS B 178 21.98 -29.04 -16.99
C LYS B 178 21.63 -27.88 -17.92
N MET B 179 20.35 -27.49 -17.96
CA MET B 179 19.93 -26.41 -18.83
C MET B 179 20.58 -25.09 -18.43
N LEU B 180 20.69 -24.84 -17.13
CA LEU B 180 21.16 -23.58 -16.57
C LEU B 180 22.69 -23.51 -16.44
N ASP B 181 23.39 -24.60 -16.73
CA ASP B 181 24.83 -24.71 -16.49
C ASP B 181 25.17 -24.43 -15.02
N LYS B 182 24.41 -25.04 -14.13
CA LYS B 182 24.62 -24.89 -12.69
C LYS B 182 24.86 -26.25 -12.08
N SER B 183 25.68 -26.26 -11.02
CA SER B 183 25.76 -27.42 -10.14
C SER B 183 24.38 -27.80 -9.64
N GLU B 184 24.12 -29.11 -9.54
CA GLU B 184 22.89 -29.58 -8.92
C GLU B 184 22.82 -29.15 -7.46
N LYS B 185 23.96 -29.11 -6.78
CA LYS B 185 23.95 -28.68 -5.38
C LYS B 185 23.59 -27.21 -5.27
N THR B 186 24.16 -26.37 -6.13
CA THR B 186 23.89 -24.93 -6.03
C THR B 186 22.51 -24.56 -6.54
N LEU B 187 21.97 -25.30 -7.51
CA LEU B 187 20.61 -25.04 -7.98
C LEU B 187 19.59 -25.42 -6.91
N ILE B 188 19.83 -26.54 -6.20
CA ILE B 188 18.92 -26.97 -5.15
C ILE B 188 18.86 -25.92 -4.04
N ASN B 189 19.99 -25.28 -3.73
CA ASN B 189 19.98 -24.26 -2.68
C ASN B 189 19.21 -23.04 -3.14
N LYS B 190 19.40 -22.61 -4.39
CA LYS B 190 18.65 -21.48 -4.89
C LYS B 190 17.16 -21.79 -4.96
N ILE B 191 16.79 -23.01 -5.39
CA ILE B 191 15.37 -23.38 -5.41
C ILE B 191 14.77 -23.26 -4.02
N ALA B 192 15.52 -23.70 -3.00
CA ALA B 192 15.05 -23.55 -1.62
C ALA B 192 14.90 -22.08 -1.25
N GLU B 193 15.89 -21.25 -1.61
CA GLU B 193 15.81 -19.82 -1.33
C GLU B 193 14.62 -19.17 -2.03
N LEU B 194 14.26 -19.63 -3.22
CA LEU B 194 13.18 -18.99 -3.96
C LEU B 194 11.81 -19.48 -3.51
N LYS B 195 11.68 -20.77 -3.16
CA LYS B 195 10.38 -21.25 -2.69
C LYS B 195 10.02 -20.64 -1.33
N LYS B 196 11.03 -20.26 -0.54
CA LYS B 196 10.77 -19.52 0.69
C LYS B 196 10.05 -18.21 0.39
N PHE B 197 10.35 -17.58 -0.75
CA PHE B 197 9.59 -16.39 -1.16
C PHE B 197 8.23 -16.74 -1.73
N GLY B 198 7.94 -18.03 -1.96
CA GLY B 198 6.63 -18.43 -2.41
C GLY B 198 6.36 -18.25 -3.88
N ILE B 199 7.40 -18.22 -4.71
CA ILE B 199 7.24 -17.92 -6.13
C ILE B 199 7.36 -19.15 -7.01
N LEU B 200 7.66 -20.31 -6.44
CA LEU B 200 7.68 -21.54 -7.23
C LEU B 200 7.32 -22.70 -6.32
N THR B 201 7.03 -23.86 -6.93
CA THR B 201 6.66 -25.06 -6.21
C THR B 201 7.44 -26.24 -6.78
N GLN B 202 7.42 -27.35 -6.03
CA GLN B 202 8.13 -28.56 -6.43
C GLN B 202 7.45 -29.83 -5.90
N ARG B 207 8.98 -33.78 -8.27
CA ARG B 207 10.27 -33.10 -8.18
C ARG B 207 10.46 -32.12 -9.33
N LYS B 208 9.41 -31.98 -10.16
CA LYS B 208 9.36 -30.90 -11.15
C LYS B 208 9.26 -29.56 -10.43
N VAL B 209 10.13 -28.61 -10.79
CA VAL B 209 10.02 -27.24 -10.30
C VAL B 209 9.12 -26.48 -11.25
N GLU B 210 8.20 -25.68 -10.70
CA GLU B 210 7.26 -24.90 -11.49
C GLU B 210 7.01 -23.55 -10.86
N LEU B 211 6.85 -22.53 -11.69
CA LEU B 211 6.34 -21.24 -11.23
C LEU B 211 4.89 -21.36 -10.77
N ASN B 212 4.52 -20.54 -9.80
CA ASN B 212 3.11 -20.34 -9.48
C ASN B 212 2.68 -18.96 -9.96
N GLU B 213 1.43 -18.60 -9.65
CA GLU B 213 0.87 -17.32 -10.11
C GLU B 213 1.70 -16.14 -9.62
N LEU B 214 2.16 -16.19 -8.37
CA LEU B 214 3.00 -15.11 -7.85
C LEU B 214 4.31 -15.03 -8.62
N GLY B 215 4.87 -16.19 -8.98
CA GLY B 215 6.09 -16.20 -9.79
C GLY B 215 5.89 -15.60 -11.17
N LEU B 216 4.72 -15.84 -11.77
CA LEU B 216 4.41 -15.20 -13.05
C LEU B 216 4.36 -13.68 -12.91
N ASN B 217 3.88 -13.18 -11.76
CA ASN B 217 3.87 -11.74 -11.56
C ASN B 217 5.29 -11.20 -11.38
N VAL B 218 6.15 -11.96 -10.69
CA VAL B 218 7.55 -11.57 -10.55
C VAL B 218 8.20 -11.43 -11.93
N ILE B 219 7.95 -12.40 -12.81
CA ILE B 219 8.53 -12.35 -14.14
C ILE B 219 8.05 -11.12 -14.90
N LYS B 220 6.76 -10.78 -14.75
CA LYS B 220 6.20 -9.62 -15.40
C LYS B 220 6.85 -8.33 -14.91
N LEU B 221 7.22 -8.27 -13.63
CA LEU B 221 7.83 -7.06 -13.09
C LEU B 221 9.29 -6.92 -13.49
N ASN B 222 9.96 -8.04 -13.75
CA ASN B 222 11.38 -8.05 -14.05
C ASN B 222 11.65 -8.37 -15.52
N LYS B 223 10.73 -7.96 -16.38
CA LYS B 223 10.86 -8.19 -17.82
C LYS B 223 11.53 -6.98 -18.47
#